data_6KGT
#
_entry.id   6KGT
#
_cell.length_a   97.035
_cell.length_b   84.857
_cell.length_c   90.868
_cell.angle_alpha   90.000
_cell.angle_beta   111.390
_cell.angle_gamma   90.000
#
_symmetry.space_group_name_H-M   'C 1 2 1'
#
loop_
_entity.id
_entity.type
_entity.pdbx_description
1 polymer 'Penicillin-binding protein PbpB'
2 non-polymer '(2R)-2-[(1S,2R)-1-carboxy-2-hydroxypropyl]-5-[(2R)-oxolan-2-yl]-2,3-dihydro-1,3-thiazole-4-carboxylic acid'
3 non-polymer 'COBALT (II) ION'
4 water water
#
_entity_poly.entity_id   1
_entity_poly.type   'polypeptide(L)'
_entity_poly.pdbx_seq_one_letter_code
;GPLGSGQLKVTDVQPAARGSIVDRNNDRLAFTIEARALTFQPKRIRRQLEEARKKTSAAPDPQQRLRDIAQEVAGKLNNK
PDAAAVLKKLQSDETFVYLARAVDPAVASAICAKYPEVGAERQDLRQYPGGSLAANVVGGIDWDGHGLLGLEDSLDAVLA
GTDGSVTYDRGSDGVVIPGSYRNRHKAVHGSTVVLTLDNDIQFYVQQQVQQAKNLSGAHNVSAVVLDAKTGEVLAMANDN
TFDPSQDIGRQGDKQLGNPAVSSPFEPGSVNKIVAASAVIEHGLSSPDEVLQVPGSIQMGGVTVHDAWEHGVMPYTTTGV
FGKSSNVGTLMLSQRVGPERYYDMLRKFGLGQRTGVGLPGESAGLVPPIDQWSGSTFANLPIGQGLSMTLLQMTGMYQAI
ANDGVRVPPRIIKATVAPDGSRTEEPRPDDIRVVSAQTAQTVRQMLRAVVQRDPMGYQQGTGPTAGVPGYQMAGKTGTAQ
QINPGCGCYFDDVYWITFAGIATADNPRYVIGIMLDNPARNSDGAPGHSAAPLFHNIAGWLMQRENVPLSPDPGPPLVLQ
AT
;
_entity_poly.pdbx_strand_id   A
#
# COMPACT_ATOMS: atom_id res chain seq x y z
N ASP A 12 42.64 -23.76 10.64
CA ASP A 12 42.21 -24.23 9.32
C ASP A 12 41.13 -23.35 8.65
N VAL A 13 40.13 -22.86 9.43
CA VAL A 13 38.98 -22.16 8.85
C VAL A 13 39.15 -20.65 8.91
N GLN A 14 38.71 -19.98 7.85
CA GLN A 14 38.82 -18.53 7.75
C GLN A 14 37.45 -17.91 7.53
N PRO A 15 36.87 -17.25 8.54
CA PRO A 15 35.42 -16.97 8.53
C PRO A 15 35.03 -15.81 7.64
N ALA A 16 33.96 -16.01 6.87
CA ALA A 16 33.33 -14.91 6.15
C ALA A 16 32.70 -13.93 7.13
N ALA A 17 32.90 -12.65 6.88
CA ALA A 17 32.32 -11.59 7.69
C ALA A 17 30.96 -11.21 7.13
N ARG A 18 29.92 -11.25 7.98
CA ARG A 18 28.56 -11.07 7.50
C ARG A 18 28.40 -9.67 6.94
N GLY A 19 27.78 -9.58 5.76
CA GLY A 19 27.51 -8.28 5.18
C GLY A 19 26.41 -7.54 5.94
N SER A 20 26.25 -6.27 5.62
CA SER A 20 25.28 -5.47 6.32
C SER A 20 24.08 -5.14 5.43
N ILE A 21 23.02 -4.66 6.06
CA ILE A 21 21.83 -4.16 5.37
C ILE A 21 21.73 -2.68 5.64
N VAL A 22 21.60 -1.88 4.57
CA VAL A 22 21.56 -0.42 4.68
C VAL A 22 20.42 0.12 3.85
N ASP A 23 20.07 1.38 4.09
CA ASP A 23 19.02 2.01 3.33
C ASP A 23 19.63 2.67 2.09
N ARG A 24 18.79 3.33 1.29
CA ARG A 24 19.21 3.88 0.01
C ARG A 24 20.36 4.88 0.17
N ASN A 25 20.47 5.53 1.32
CA ASN A 25 21.53 6.48 1.58
C ASN A 25 22.63 5.89 2.43
N ASN A 26 22.72 4.56 2.49
CA ASN A 26 23.73 3.81 3.24
C ASN A 26 23.60 3.97 4.73
N ASP A 27 22.48 4.45 5.23
CA ASP A 27 22.27 4.45 6.67
C ASP A 27 22.08 3.02 7.15
N ARG A 28 22.90 2.61 8.11
CA ARG A 28 22.95 1.21 8.51
C ARG A 28 21.72 0.82 9.31
N LEU A 29 21.16 -0.33 8.94
CA LEU A 29 20.06 -1.00 9.60
C LEU A 29 20.50 -2.24 10.36
N ALA A 30 21.38 -3.05 9.76
CA ALA A 30 21.96 -4.20 10.41
C ALA A 30 23.42 -4.27 10.01
N PHE A 31 24.30 -4.54 10.97
CA PHE A 31 25.71 -4.75 10.68
C PHE A 31 26.33 -5.56 11.81
N THR A 32 27.47 -6.18 11.52
CA THR A 32 28.13 -7.10 12.44
C THR A 32 29.42 -6.47 12.98
N ILE A 33 29.69 -6.67 14.29
CA ILE A 33 30.95 -6.32 14.92
C ILE A 33 31.58 -7.54 15.56
N GLU A 34 32.91 -7.51 15.72
CA GLU A 34 33.65 -8.63 16.29
C GLU A 34 33.68 -8.59 17.81
N ALA A 35 33.50 -9.75 18.43
CA ALA A 35 33.59 -9.85 19.88
C ALA A 35 34.14 -11.22 20.27
N ARG A 36 34.29 -11.42 21.58
CA ARG A 36 34.88 -12.65 22.10
C ARG A 36 33.94 -13.31 23.11
N ALA A 37 34.09 -14.62 23.22
CA ALA A 37 33.31 -15.42 24.16
C ALA A 37 34.23 -16.08 25.18
N ALA A 120 34.96 -22.04 20.44
CA ALA A 120 33.96 -21.00 20.62
C ALA A 120 34.54 -19.80 21.36
N GLU A 121 35.60 -19.18 20.82
CA GLU A 121 36.20 -18.03 21.46
C GLU A 121 35.84 -16.70 20.80
N ARG A 122 35.99 -16.60 19.49
CA ARG A 122 35.58 -15.37 18.80
C ARG A 122 34.13 -15.50 18.36
N GLN A 123 33.41 -14.40 18.42
CA GLN A 123 31.96 -14.42 18.27
C GLN A 123 31.51 -13.08 17.71
N ASP A 124 30.76 -13.12 16.60
CA ASP A 124 30.30 -11.91 15.94
C ASP A 124 28.91 -11.52 16.41
N LEU A 125 28.69 -10.22 16.54
CA LEU A 125 27.47 -9.68 17.09
C LEU A 125 26.76 -8.83 16.05
N ARG A 126 25.50 -9.19 15.77
CA ARG A 126 24.64 -8.40 14.90
C ARG A 126 24.14 -7.17 15.66
N GLN A 127 24.42 -5.99 15.12
CA GLN A 127 23.92 -4.72 15.67
C GLN A 127 22.71 -4.26 14.87
N TYR A 128 21.65 -3.83 15.58
CA TYR A 128 20.50 -3.18 14.96
C TYR A 128 20.34 -1.81 15.60
N PRO A 129 21.05 -0.79 15.11
CA PRO A 129 21.07 0.50 15.82
C PRO A 129 19.70 1.14 15.97
N GLY A 130 18.78 0.91 15.04
CA GLY A 130 17.46 1.49 15.11
C GLY A 130 16.44 0.66 15.84
N GLY A 131 16.85 -0.45 16.41
CA GLY A 131 15.91 -1.28 17.14
C GLY A 131 14.84 -1.82 16.20
N SER A 132 13.59 -1.47 16.46
CA SER A 132 12.45 -1.97 15.70
C SER A 132 12.35 -1.35 14.32
N LEU A 133 13.15 -0.33 14.00
CA LEU A 133 13.05 0.38 12.72
C LEU A 133 13.10 -0.60 11.54
N ALA A 134 12.04 -0.60 10.74
CA ALA A 134 11.96 -1.46 9.54
C ALA A 134 12.25 -2.93 9.86
N ALA A 135 12.09 -3.37 11.12
CA ALA A 135 12.42 -4.76 11.40
C ALA A 135 11.40 -5.73 10.80
N ASN A 136 10.22 -5.24 10.41
CA ASN A 136 9.31 -6.09 9.63
C ASN A 136 9.96 -6.53 8.32
N VAL A 137 10.82 -5.68 7.75
CA VAL A 137 11.56 -5.96 6.52
C VAL A 137 12.90 -6.62 6.83
N VAL A 138 13.67 -6.01 7.73
CA VAL A 138 15.05 -6.42 7.96
C VAL A 138 15.13 -7.84 8.51
N GLY A 139 14.29 -8.14 9.51
CA GLY A 139 14.28 -9.47 10.09
C GLY A 139 15.18 -9.55 11.32
N GLY A 140 15.71 -10.74 11.62
CA GLY A 140 16.63 -10.88 12.74
C GLY A 140 17.55 -12.06 12.54
N ILE A 141 18.46 -12.20 13.49
CA ILE A 141 19.58 -13.13 13.39
C ILE A 141 19.31 -14.35 14.27
N ASP A 142 19.86 -15.48 13.88
CA ASP A 142 19.82 -16.64 14.73
C ASP A 142 21.07 -16.68 15.61
N TRP A 143 21.14 -17.69 16.49
CA TRP A 143 22.26 -17.80 17.42
C TRP A 143 23.58 -18.06 16.69
N ASP A 144 23.52 -18.76 15.54
CA ASP A 144 24.71 -19.06 14.74
C ASP A 144 25.17 -17.89 13.87
N GLY A 145 24.51 -16.73 13.97
CA GLY A 145 24.84 -15.58 13.14
C GLY A 145 24.25 -15.61 11.75
N HIS A 146 23.44 -16.62 11.42
CA HIS A 146 22.72 -16.66 10.17
C HIS A 146 21.32 -16.11 10.35
N GLY A 147 20.68 -15.81 9.22
CA GLY A 147 19.38 -15.16 9.28
C GLY A 147 18.33 -16.06 9.89
N LEU A 148 17.49 -15.47 10.73
CA LEU A 148 16.37 -16.17 11.36
C LEU A 148 15.05 -15.90 10.66
N LEU A 149 14.82 -14.66 10.24
CA LEU A 149 13.60 -14.28 9.55
C LEU A 149 13.84 -12.95 8.84
N GLY A 150 12.86 -12.53 8.03
CA GLY A 150 13.06 -11.31 7.28
C GLY A 150 14.11 -11.46 6.16
N LEU A 151 14.65 -10.32 5.73
CA LEU A 151 15.70 -10.31 4.72
C LEU A 151 16.99 -10.95 5.22
N GLU A 152 17.25 -10.89 6.53
CA GLU A 152 18.40 -11.61 7.07
C GLU A 152 18.34 -13.08 6.67
N ASP A 153 17.13 -13.64 6.65
CA ASP A 153 16.98 -15.03 6.30
C ASP A 153 16.94 -15.23 4.78
N SER A 154 16.07 -14.50 4.10
CA SER A 154 15.83 -14.73 2.68
C SER A 154 17.03 -14.36 1.82
N LEU A 155 17.82 -13.37 2.24
CA LEU A 155 19.08 -13.04 1.58
C LEU A 155 20.30 -13.56 2.35
N ASP A 156 20.13 -14.59 3.17
CA ASP A 156 21.26 -15.06 4.00
C ASP A 156 22.48 -15.36 3.15
N ALA A 157 22.28 -16.08 2.03
CA ALA A 157 23.42 -16.49 1.20
C ALA A 157 24.24 -15.29 0.75
N VAL A 158 23.57 -14.23 0.33
CA VAL A 158 24.24 -13.00 -0.09
C VAL A 158 24.99 -12.38 1.09
N LEU A 159 24.36 -12.37 2.27
CA LEU A 159 24.88 -11.66 3.44
C LEU A 159 25.94 -12.47 4.19
N ALA A 160 25.81 -13.80 4.21
CA ALA A 160 26.74 -14.61 4.98
C ALA A 160 28.04 -14.89 4.25
N GLY A 161 28.06 -14.82 2.93
CA GLY A 161 29.22 -15.22 2.19
C GLY A 161 29.54 -16.70 2.37
N THR A 162 30.84 -17.02 2.27
CA THR A 162 31.33 -18.39 2.33
C THR A 162 32.68 -18.43 3.03
N ASP A 163 32.83 -19.37 3.95
CA ASP A 163 34.06 -19.49 4.72
C ASP A 163 35.21 -20.02 3.89
N GLY A 164 36.41 -19.48 4.13
CA GLY A 164 37.62 -19.91 3.46
C GLY A 164 38.36 -21.00 4.25
N SER A 165 39.54 -21.35 3.75
CA SER A 165 40.27 -22.51 4.26
C SER A 165 41.74 -22.43 3.88
N VAL A 166 42.59 -23.07 4.70
CA VAL A 166 44.00 -23.34 4.36
C VAL A 166 44.59 -24.39 5.31
N ARG A 184 44.29 -23.97 -0.46
CA ARG A 184 43.85 -22.67 0.03
C ARG A 184 42.64 -22.16 -0.77
N HIS A 185 41.58 -21.81 -0.06
CA HIS A 185 40.36 -21.25 -0.63
C HIS A 185 40.09 -19.92 0.07
N LYS A 186 40.01 -18.86 -0.72
CA LYS A 186 39.75 -17.53 -0.16
C LYS A 186 38.38 -17.47 0.49
N ALA A 187 38.30 -16.78 1.61
CA ALA A 187 37.02 -16.49 2.23
C ALA A 187 36.27 -15.45 1.40
N VAL A 188 35.01 -15.73 1.10
CA VAL A 188 34.15 -14.77 0.44
C VAL A 188 33.30 -14.10 1.51
N HIS A 189 33.63 -12.85 1.83
CA HIS A 189 32.86 -12.10 2.80
C HIS A 189 31.49 -11.77 2.23
N GLY A 190 30.56 -11.47 3.12
CA GLY A 190 29.20 -11.21 2.69
C GLY A 190 29.09 -9.87 1.99
N SER A 191 28.16 -9.80 1.05
CA SER A 191 27.90 -8.54 0.38
C SER A 191 26.97 -7.67 1.22
N THR A 192 27.00 -6.38 0.95
CA THR A 192 26.10 -5.44 1.60
C THR A 192 24.84 -5.30 0.74
N VAL A 193 23.67 -5.31 1.39
CA VAL A 193 22.39 -5.16 0.70
C VAL A 193 21.90 -3.73 0.91
N VAL A 194 21.62 -3.03 -0.19
CA VAL A 194 21.11 -1.64 -0.17
C VAL A 194 19.61 -1.70 -0.45
N LEU A 195 18.81 -1.22 0.50
CA LEU A 195 17.36 -1.21 0.33
C LEU A 195 16.91 0.10 -0.31
N THR A 196 15.71 0.08 -0.87
CA THR A 196 15.09 1.32 -1.35
C THR A 196 14.52 2.16 -0.23
N LEU A 197 14.41 1.59 0.98
CA LEU A 197 13.93 2.33 2.14
C LEU A 197 14.71 3.62 2.36
N ASP A 198 13.98 4.69 2.68
CA ASP A 198 14.55 5.89 3.26
C ASP A 198 14.28 5.86 4.76
N ASN A 199 15.34 5.79 5.57
CA ASN A 199 15.18 5.56 7.01
C ASN A 199 14.42 6.70 7.68
N ASP A 200 14.62 7.94 7.21
CA ASP A 200 13.91 9.05 7.83
C ASP A 200 12.41 8.97 7.55
N ILE A 201 12.05 8.67 6.31
CA ILE A 201 10.65 8.46 5.97
C ILE A 201 10.11 7.26 6.73
N GLN A 202 10.87 6.16 6.77
CA GLN A 202 10.41 4.95 7.44
C GLN A 202 10.14 5.20 8.91
N PHE A 203 11.03 5.95 9.58
CA PHE A 203 10.92 6.18 11.02
C PHE A 203 9.68 7.00 11.33
N TYR A 204 9.48 8.09 10.59
CA TYR A 204 8.27 8.87 10.76
C TYR A 204 7.03 8.02 10.49
N VAL A 205 7.00 7.30 9.37
CA VAL A 205 5.81 6.53 9.03
C VAL A 205 5.56 5.44 10.07
N GLN A 206 6.62 4.73 10.48
CA GLN A 206 6.45 3.65 11.42
C GLN A 206 5.87 4.16 12.75
N GLN A 207 6.31 5.34 13.20
CA GLN A 207 5.78 5.94 14.42
C GLN A 207 4.32 6.38 14.25
N GLN A 208 4.01 7.03 13.13
CA GLN A 208 2.64 7.43 12.89
C GLN A 208 1.71 6.21 12.81
N VAL A 209 2.22 5.07 12.31
CA VAL A 209 1.37 3.89 12.17
C VAL A 209 1.02 3.34 13.54
N GLN A 210 1.99 3.38 14.48
CA GLN A 210 1.76 2.94 15.85
C GLN A 210 0.76 3.86 16.55
N GLN A 211 0.90 5.17 16.40
N GLN A 211 0.99 5.18 16.45
CA GLN A 211 -0.07 5.98 17.12
CA GLN A 211 0.04 6.19 16.93
C GLN A 211 -1.39 6.16 16.39
C GLN A 211 -1.37 5.89 16.44
N ALA A 212 -1.51 5.72 15.12
CA ALA A 212 -2.85 5.54 14.53
C ALA A 212 -3.52 4.30 15.09
N LYS A 213 -2.73 3.26 15.38
CA LYS A 213 -3.29 2.06 16.00
C LYS A 213 -3.74 2.34 17.42
N ASN A 214 -2.91 3.05 18.20
CA ASN A 214 -3.28 3.41 19.56
C ASN A 214 -4.54 4.26 19.58
N LEU A 215 -4.56 5.33 18.76
CA LEU A 215 -5.67 6.29 18.77
C LEU A 215 -6.96 5.70 18.20
N SER A 216 -6.88 4.93 17.10
CA SER A 216 -8.10 4.45 16.46
C SER A 216 -8.67 3.20 17.12
N GLY A 217 -7.88 2.50 17.93
CA GLY A 217 -8.34 1.25 18.52
C GLY A 217 -8.36 0.07 17.56
N ALA A 218 -7.76 0.21 16.38
CA ALA A 218 -7.67 -0.88 15.41
C ALA A 218 -6.90 -2.07 15.96
N HIS A 219 -7.22 -3.27 15.44
CA HIS A 219 -6.43 -4.45 15.72
C HIS A 219 -4.99 -4.26 15.27
N ASN A 220 -4.79 -3.68 14.09
CA ASN A 220 -3.46 -3.46 13.53
C ASN A 220 -3.57 -2.39 12.46
N VAL A 221 -2.43 -1.81 12.12
CA VAL A 221 -2.36 -0.69 11.18
C VAL A 221 -1.11 -0.92 10.34
N SER A 222 -1.18 -0.62 9.05
CA SER A 222 0.00 -0.73 8.20
C SER A 222 -0.06 0.39 7.17
N ALA A 223 1.11 0.69 6.61
CA ALA A 223 1.24 1.77 5.66
C ALA A 223 2.42 1.47 4.75
N VAL A 224 2.27 1.88 3.50
CA VAL A 224 3.30 1.72 2.48
C VAL A 224 3.44 3.04 1.74
N VAL A 225 4.68 3.45 1.53
CA VAL A 225 4.96 4.64 0.73
C VAL A 225 5.82 4.20 -0.43
N LEU A 226 5.36 4.47 -1.65
CA LEU A 226 6.13 4.14 -2.84
C LEU A 226 6.59 5.42 -3.51
N ASP A 227 7.78 5.36 -4.11
CA ASP A 227 8.15 6.40 -5.06
C ASP A 227 7.23 6.35 -6.27
N ALA A 228 6.60 7.48 -6.60
CA ALA A 228 5.57 7.51 -7.63
C ALA A 228 6.06 7.02 -8.99
N LYS A 229 7.27 7.41 -9.41
CA LYS A 229 7.71 7.07 -10.77
C LYS A 229 8.31 5.67 -10.86
N THR A 230 9.10 5.26 -9.86
CA THR A 230 9.82 3.97 -9.94
C THR A 230 9.13 2.84 -9.18
N GLY A 231 8.17 3.13 -8.30
CA GLY A 231 7.55 2.12 -7.46
C GLY A 231 8.48 1.56 -6.40
N GLU A 232 9.65 2.17 -6.22
CA GLU A 232 10.50 1.77 -5.12
C GLU A 232 9.81 1.98 -3.79
N VAL A 233 10.08 1.07 -2.85
CA VAL A 233 9.46 1.09 -1.53
C VAL A 233 10.27 2.01 -0.61
N LEU A 234 9.71 3.17 -0.28
CA LEU A 234 10.41 4.14 0.54
C LEU A 234 10.13 3.95 2.02
N ALA A 235 9.00 3.34 2.34
CA ALA A 235 8.61 3.05 3.70
C ALA A 235 7.56 1.93 3.66
N MET A 236 7.71 0.97 4.58
CA MET A 236 6.77 -0.14 4.72
C MET A 236 6.69 -0.39 6.21
N ALA A 237 5.51 -0.18 6.83
CA ALA A 237 5.46 -0.25 8.27
C ALA A 237 4.17 -0.86 8.80
N ASN A 238 4.28 -1.56 9.92
CA ASN A 238 3.13 -2.01 10.68
C ASN A 238 3.32 -1.60 12.14
N ASP A 239 2.22 -1.56 12.88
CA ASP A 239 2.28 -1.36 14.33
C ASP A 239 2.88 -2.59 15.01
N ASN A 240 3.30 -2.41 16.27
CA ASN A 240 3.68 -3.52 17.14
C ASN A 240 4.92 -4.26 16.64
N THR A 241 5.84 -3.56 15.97
CA THR A 241 7.01 -4.19 15.36
C THR A 241 8.00 -4.72 16.40
N PHE A 242 8.44 -5.95 16.22
CA PHE A 242 9.40 -6.51 17.17
C PHE A 242 10.75 -5.80 17.10
N ASP A 243 11.60 -6.10 18.06
CA ASP A 243 12.92 -5.51 18.15
C ASP A 243 13.92 -6.64 17.99
N PRO A 244 14.63 -6.71 16.86
CA PRO A 244 15.54 -7.84 16.65
C PRO A 244 16.83 -7.75 17.45
N SER A 245 17.12 -6.63 18.08
CA SER A 245 18.23 -6.65 19.05
C SER A 245 17.86 -7.36 20.36
N GLN A 246 16.72 -8.04 20.46
CA GLN A 246 16.30 -8.68 21.70
C GLN A 246 15.79 -10.07 21.36
N ASP A 247 15.81 -10.96 22.36
CA ASP A 247 15.49 -12.35 22.11
C ASP A 247 14.08 -12.51 21.57
N ILE A 248 13.93 -13.40 20.60
CA ILE A 248 12.67 -13.55 19.90
C ILE A 248 11.62 -14.18 20.82
N GLY A 249 12.07 -15.02 21.77
CA GLY A 249 11.20 -15.72 22.70
C GLY A 249 10.53 -14.83 23.72
N ARG A 250 11.00 -13.59 23.87
CA ARG A 250 10.37 -12.61 24.76
C ARG A 250 9.30 -11.79 24.06
N GLN A 251 9.02 -12.05 22.78
CA GLN A 251 8.24 -11.11 21.98
C GLN A 251 7.10 -11.82 21.28
N GLY A 252 6.49 -12.81 21.93
CA GLY A 252 5.31 -13.46 21.38
C GLY A 252 4.11 -12.54 21.25
N ASP A 253 4.10 -11.42 21.98
CA ASP A 253 3.07 -10.41 21.82
C ASP A 253 3.39 -9.40 20.72
N LYS A 254 4.47 -9.59 19.97
CA LYS A 254 4.89 -8.63 18.97
C LYS A 254 4.57 -9.13 17.59
N GLN A 255 4.49 -8.19 16.65
CA GLN A 255 4.44 -8.51 15.23
C GLN A 255 5.85 -8.80 14.74
N LEU A 256 6.12 -10.06 14.37
CA LEU A 256 7.42 -10.47 13.87
C LEU A 256 7.50 -10.57 12.36
N GLY A 257 6.38 -10.44 11.65
CA GLY A 257 6.40 -10.60 10.21
C GLY A 257 6.18 -9.29 9.51
N ASN A 258 5.50 -9.33 8.37
CA ASN A 258 5.42 -8.18 7.48
C ASN A 258 4.06 -8.20 6.80
N PRO A 259 2.99 -7.86 7.54
CA PRO A 259 1.63 -8.02 6.99
C PRO A 259 1.39 -7.22 5.75
N ALA A 260 2.10 -6.10 5.56
CA ALA A 260 1.94 -5.30 4.35
C ALA A 260 2.11 -6.11 3.07
N VAL A 261 2.86 -7.23 3.12
CA VAL A 261 2.98 -8.11 1.95
C VAL A 261 2.35 -9.47 2.16
N SER A 262 2.12 -9.90 3.40
CA SER A 262 1.73 -11.28 3.63
C SER A 262 0.24 -11.45 3.90
N SER A 263 -0.49 -10.38 4.20
CA SER A 263 -1.82 -10.51 4.81
C SER A 263 -2.87 -9.80 3.96
N PRO A 264 -3.52 -10.51 3.04
CA PRO A 264 -4.48 -9.85 2.15
C PRO A 264 -5.78 -9.52 2.86
N PHE A 265 -6.50 -8.56 2.28
CA PHE A 265 -7.78 -8.10 2.79
C PHE A 265 -8.66 -7.70 1.61
N GLU A 266 -9.94 -7.49 1.89
CA GLU A 266 -10.80 -6.99 0.82
C GLU A 266 -10.74 -5.47 0.81
N PRO A 267 -10.50 -4.85 -0.35
CA PRO A 267 -10.14 -3.43 -0.36
C PRO A 267 -11.31 -2.48 -0.19
N GLY A 268 -12.53 -2.91 -0.47
CA GLY A 268 -13.64 -1.99 -0.45
C GLY A 268 -13.49 -0.92 -1.50
N SER A 269 -14.08 0.24 -1.23
CA SER A 269 -14.19 1.29 -2.24
C SER A 269 -12.85 1.79 -2.78
N VAL A 270 -11.72 1.56 -2.08
CA VAL A 270 -10.44 1.91 -2.69
C VAL A 270 -10.26 1.18 -4.03
N ASN A 271 -10.89 0.03 -4.21
CA ASN A 271 -10.81 -0.66 -5.49
C ASN A 271 -11.45 0.13 -6.63
N LYS A 272 -12.27 1.15 -6.36
CA LYS A 272 -12.99 1.82 -7.43
C LYS A 272 -12.08 2.54 -8.42
N ILE A 273 -10.78 2.64 -8.12
CA ILE A 273 -9.82 3.13 -9.11
C ILE A 273 -9.84 2.26 -10.37
N VAL A 274 -10.18 0.97 -10.25
CA VAL A 274 -10.22 0.12 -11.45
C VAL A 274 -11.37 0.53 -12.36
N ALA A 275 -12.58 0.69 -11.80
CA ALA A 275 -13.74 1.14 -12.58
C ALA A 275 -13.51 2.52 -13.17
N ALA A 276 -13.02 3.47 -12.38
CA ALA A 276 -12.74 4.80 -12.89
C ALA A 276 -11.77 4.75 -14.07
N SER A 277 -10.76 3.88 -13.97
CA SER A 277 -9.74 3.78 -15.00
C SER A 277 -10.29 3.16 -16.27
N ALA A 278 -11.19 2.17 -16.14
CA ALA A 278 -11.74 1.50 -17.32
C ALA A 278 -12.75 2.38 -18.07
N VAL A 279 -13.67 3.06 -17.35
CA VAL A 279 -14.66 3.85 -18.08
C VAL A 279 -14.02 5.04 -18.76
N ILE A 280 -12.95 5.59 -18.20
CA ILE A 280 -12.28 6.68 -18.88
C ILE A 280 -11.42 6.15 -20.01
N GLU A 281 -10.66 5.07 -19.75
CA GLU A 281 -9.76 4.57 -20.79
C GLU A 281 -10.52 4.09 -22.03
N HIS A 282 -11.70 3.52 -21.84
CA HIS A 282 -12.48 3.01 -22.96
C HIS A 282 -13.48 4.03 -23.50
N GLY A 283 -13.32 5.31 -23.16
CA GLY A 283 -14.15 6.34 -23.75
C GLY A 283 -15.62 6.25 -23.39
N LEU A 284 -15.93 5.58 -22.28
CA LEU A 284 -17.31 5.31 -21.88
C LEU A 284 -17.92 6.40 -21.02
N SER A 285 -17.14 7.41 -20.61
CA SER A 285 -17.65 8.46 -19.75
C SER A 285 -16.53 9.48 -19.61
N SER A 286 -16.85 10.62 -19.01
CA SER A 286 -15.91 11.70 -18.78
C SER A 286 -16.18 12.25 -17.38
N PRO A 287 -15.23 12.99 -16.80
CA PRO A 287 -15.43 13.45 -15.41
C PRO A 287 -16.64 14.33 -15.19
N ASP A 288 -17.05 15.10 -16.22
CA ASP A 288 -18.14 16.05 -16.10
C ASP A 288 -19.50 15.47 -16.51
N GLU A 289 -19.55 14.24 -17.03
CA GLU A 289 -20.83 13.63 -17.35
C GLU A 289 -21.75 13.65 -16.13
N VAL A 290 -22.88 14.34 -16.27
CA VAL A 290 -23.97 14.29 -15.29
C VAL A 290 -24.69 12.96 -15.45
N LEU A 291 -24.77 12.19 -14.36
CA LEU A 291 -25.45 10.91 -14.37
C LEU A 291 -26.75 11.02 -13.58
N GLN A 292 -27.51 9.94 -13.58
CA GLN A 292 -28.71 9.82 -12.77
C GLN A 292 -28.54 8.55 -11.94
N VAL A 293 -28.34 8.69 -10.64
CA VAL A 293 -27.96 7.55 -9.81
C VAL A 293 -29.08 7.29 -8.80
N PRO A 294 -29.82 6.20 -8.93
CA PRO A 294 -30.80 5.84 -7.89
C PRO A 294 -30.11 5.36 -6.62
N GLY A 295 -30.90 5.30 -5.54
CA GLY A 295 -30.41 4.79 -4.27
C GLY A 295 -30.12 3.31 -4.23
N SER A 296 -30.61 2.55 -5.19
CA SER A 296 -30.29 1.12 -5.21
C SER A 296 -30.48 0.61 -6.62
N ILE A 297 -29.87 -0.54 -6.88
CA ILE A 297 -29.94 -1.19 -8.18
C ILE A 297 -30.03 -2.69 -7.94
N GLN A 298 -30.71 -3.38 -8.86
CA GLN A 298 -30.69 -4.83 -8.94
C GLN A 298 -29.79 -5.25 -10.10
N MET A 299 -28.85 -6.13 -9.82
CA MET A 299 -27.81 -6.47 -10.78
C MET A 299 -27.34 -7.89 -10.55
N GLY A 300 -27.31 -8.69 -11.61
CA GLY A 300 -26.85 -10.08 -11.51
C GLY A 300 -27.48 -10.84 -10.37
N GLY A 301 -28.81 -10.78 -10.25
CA GLY A 301 -29.54 -11.51 -9.25
C GLY A 301 -29.65 -10.84 -7.89
N VAL A 302 -28.86 -9.79 -7.62
CA VAL A 302 -28.79 -9.23 -6.28
C VAL A 302 -29.16 -7.74 -6.27
N THR A 303 -29.14 -7.12 -5.08
CA THR A 303 -29.49 -5.73 -4.86
C THR A 303 -28.36 -5.02 -4.13
N VAL A 304 -27.92 -3.88 -4.67
CA VAL A 304 -26.83 -3.10 -4.08
C VAL A 304 -27.35 -1.70 -3.77
N HIS A 305 -27.05 -1.24 -2.56
CA HIS A 305 -27.49 0.03 -2.02
C HIS A 305 -26.27 0.94 -1.86
N ASP A 306 -26.49 2.25 -1.92
CA ASP A 306 -25.49 3.19 -1.48
C ASP A 306 -25.54 3.29 0.04
N ALA A 307 -24.38 3.61 0.64
CA ALA A 307 -24.23 3.63 2.10
C ALA A 307 -25.05 4.74 2.76
N TRP A 308 -25.81 5.49 1.95
CA TRP A 308 -26.76 6.48 2.44
C TRP A 308 -28.01 6.33 1.59
N GLU A 309 -29.17 6.56 2.17
CA GLU A 309 -30.40 6.52 1.38
C GLU A 309 -30.55 7.81 0.60
N HIS A 310 -31.00 7.70 -0.64
CA HIS A 310 -31.24 8.85 -1.50
C HIS A 310 -32.07 8.42 -2.70
N GLY A 311 -32.89 9.34 -3.19
CA GLY A 311 -33.52 9.17 -4.49
C GLY A 311 -32.50 9.34 -5.62
N VAL A 312 -33.03 9.48 -6.83
CA VAL A 312 -32.14 9.70 -7.96
C VAL A 312 -31.35 10.99 -7.74
N MET A 313 -30.04 10.87 -7.75
CA MET A 313 -29.16 12.03 -7.61
C MET A 313 -28.40 12.30 -8.90
N PRO A 314 -28.26 13.62 -9.27
CA PRO A 314 -27.50 14.08 -10.44
C PRO A 314 -25.98 14.12 -10.20
N TYR A 315 -25.43 12.99 -9.77
CA TYR A 315 -24.00 12.90 -9.53
C TYR A 315 -23.24 12.99 -10.84
N THR A 316 -22.18 13.77 -10.85
CA THR A 316 -21.26 13.62 -11.95
C THR A 316 -20.45 12.33 -11.75
N THR A 317 -19.86 11.85 -12.84
CA THR A 317 -18.89 10.77 -12.77
C THR A 317 -17.84 11.06 -11.71
N THR A 318 -17.39 12.31 -11.64
CA THR A 318 -16.48 12.72 -10.57
C THR A 318 -17.11 12.50 -9.21
N GLY A 319 -18.38 12.90 -9.05
CA GLY A 319 -19.04 12.72 -7.79
C GLY A 319 -19.27 11.27 -7.42
N VAL A 320 -19.47 10.41 -8.42
CA VAL A 320 -19.67 8.99 -8.13
C VAL A 320 -18.47 8.47 -7.36
N PHE A 321 -17.27 8.83 -7.79
CA PHE A 321 -16.08 8.38 -7.05
C PHE A 321 -15.80 9.26 -5.84
N GLY A 322 -16.11 10.56 -5.92
CA GLY A 322 -15.87 11.45 -4.78
C GLY A 322 -16.79 11.17 -3.61
N LYS A 323 -18.04 10.84 -3.88
CA LYS A 323 -18.98 10.46 -2.83
C LYS A 323 -19.01 8.96 -2.57
N SER A 324 -18.33 8.18 -3.41
CA SER A 324 -18.25 6.72 -3.31
C SER A 324 -19.65 6.09 -3.37
N SER A 325 -20.35 6.38 -4.46
CA SER A 325 -21.64 5.77 -4.76
C SER A 325 -21.43 4.37 -5.35
N ASN A 326 -21.88 3.33 -4.63
CA ASN A 326 -21.86 1.97 -5.17
C ASN A 326 -22.68 1.87 -6.45
N VAL A 327 -23.92 2.38 -6.42
CA VAL A 327 -24.81 2.33 -7.58
C VAL A 327 -24.15 3.01 -8.78
N GLY A 328 -23.64 4.24 -8.57
CA GLY A 328 -22.94 4.92 -9.64
C GLY A 328 -21.79 4.10 -10.19
N THR A 329 -21.00 3.47 -9.28
CA THR A 329 -19.87 2.67 -9.72
C THR A 329 -20.33 1.49 -10.56
N LEU A 330 -21.40 0.82 -10.13
CA LEU A 330 -21.87 -0.35 -10.86
C LEU A 330 -22.48 0.04 -12.20
N MET A 331 -23.21 1.16 -12.26
CA MET A 331 -23.77 1.62 -13.53
CA MET A 331 -23.77 1.60 -13.53
C MET A 331 -22.67 1.87 -14.55
N LEU A 332 -21.62 2.59 -14.13
CA LEU A 332 -20.47 2.82 -15.01
C LEU A 332 -19.77 1.53 -15.35
N SER A 333 -19.72 0.58 -14.41
CA SER A 333 -19.05 -0.68 -14.68
C SER A 333 -19.85 -1.53 -15.68
N GLN A 334 -21.18 -1.40 -15.66
CA GLN A 334 -21.97 -2.03 -16.71
C GLN A 334 -21.52 -1.57 -18.10
N ARG A 335 -21.22 -0.27 -18.26
CA ARG A 335 -20.72 0.20 -19.55
C ARG A 335 -19.44 -0.53 -19.96
N VAL A 336 -18.57 -0.83 -18.98
CA VAL A 336 -17.30 -1.48 -19.28
C VAL A 336 -17.51 -2.95 -19.67
N GLY A 337 -18.38 -3.65 -18.95
CA GLY A 337 -18.55 -5.07 -19.15
C GLY A 337 -17.57 -5.91 -18.34
N PRO A 338 -17.95 -7.15 -18.05
CA PRO A 338 -17.08 -8.02 -17.23
C PRO A 338 -15.71 -8.33 -17.84
N GLU A 339 -15.63 -8.43 -19.17
CA GLU A 339 -14.38 -8.86 -19.78
C GLU A 339 -13.35 -7.74 -19.74
N ARG A 340 -13.74 -6.54 -20.16
CA ARG A 340 -12.82 -5.43 -20.08
C ARG A 340 -12.51 -5.05 -18.63
N TYR A 341 -13.46 -5.23 -17.71
CA TYR A 341 -13.21 -4.93 -16.31
C TYR A 341 -12.22 -5.92 -15.73
N TYR A 342 -12.44 -7.22 -15.97
CA TYR A 342 -11.51 -8.23 -15.49
C TYR A 342 -10.11 -8.03 -16.06
N ASP A 343 -10.01 -7.66 -17.34
CA ASP A 343 -8.69 -7.41 -17.92
C ASP A 343 -7.95 -6.33 -17.16
N MET A 344 -8.66 -5.27 -16.78
CA MET A 344 -8.01 -4.14 -16.13
C MET A 344 -7.57 -4.51 -14.71
N LEU A 345 -8.39 -5.26 -13.98
CA LEU A 345 -7.98 -5.89 -12.73
C LEU A 345 -6.61 -6.54 -12.88
N ARG A 346 -6.49 -7.41 -13.90
CA ARG A 346 -5.25 -8.13 -14.11
C ARG A 346 -4.10 -7.19 -14.46
N LYS A 347 -4.37 -6.17 -15.27
CA LYS A 347 -3.31 -5.23 -15.64
C LYS A 347 -2.88 -4.35 -14.47
N PHE A 348 -3.79 -4.04 -13.55
CA PHE A 348 -3.39 -3.39 -12.30
C PHE A 348 -2.62 -4.31 -11.36
N GLY A 349 -2.42 -5.58 -11.72
CA GLY A 349 -1.52 -6.44 -10.98
C GLY A 349 -2.15 -7.29 -9.90
N LEU A 350 -3.48 -7.30 -9.81
CA LEU A 350 -4.17 -7.99 -8.74
C LEU A 350 -4.19 -9.50 -8.99
N GLY A 351 -4.16 -10.26 -7.90
CA GLY A 351 -4.06 -11.70 -7.90
C GLY A 351 -2.67 -12.24 -8.17
N GLN A 352 -1.69 -11.38 -8.40
CA GLN A 352 -0.33 -11.77 -8.72
C GLN A 352 0.64 -11.13 -7.71
N ARG A 353 1.57 -11.94 -7.21
CA ARG A 353 2.74 -11.41 -6.51
C ARG A 353 3.44 -10.34 -7.33
N THR A 354 3.95 -9.34 -6.63
CA THR A 354 4.66 -8.25 -7.27
C THR A 354 6.11 -8.59 -7.63
N GLY A 355 6.70 -9.58 -6.97
CA GLY A 355 8.15 -9.76 -7.06
C GLY A 355 8.96 -8.76 -6.29
N VAL A 356 8.46 -8.24 -5.16
CA VAL A 356 9.12 -7.11 -4.50
C VAL A 356 10.46 -7.50 -3.90
N GLY A 357 10.69 -8.77 -3.58
CA GLY A 357 11.93 -9.20 -2.97
C GLY A 357 11.85 -9.29 -1.46
N LEU A 358 10.74 -9.79 -0.94
CA LEU A 358 10.54 -9.91 0.49
C LEU A 358 9.91 -11.27 0.72
N PRO A 359 10.32 -11.99 1.76
CA PRO A 359 9.75 -13.33 1.99
C PRO A 359 8.29 -13.22 2.43
N GLY A 360 7.53 -14.27 2.09
CA GLY A 360 6.17 -14.38 2.59
C GLY A 360 5.13 -13.54 1.86
N GLU A 361 5.45 -13.00 0.68
CA GLU A 361 4.44 -12.23 -0.07
C GLU A 361 3.24 -13.11 -0.46
N SER A 362 2.04 -12.59 -0.23
CA SER A 362 0.82 -13.23 -0.69
C SER A 362 0.44 -12.72 -2.08
N ALA A 363 -0.17 -13.59 -2.87
CA ALA A 363 -0.69 -13.21 -4.17
C ALA A 363 -2.08 -12.57 -4.11
N GLY A 364 -2.79 -12.65 -2.98
CA GLY A 364 -4.15 -12.17 -3.00
C GLY A 364 -5.04 -13.15 -3.76
N LEU A 365 -6.23 -12.69 -4.12
CA LEU A 365 -7.22 -13.55 -4.75
C LEU A 365 -8.15 -12.71 -5.60
N VAL A 366 -8.18 -13.01 -6.90
CA VAL A 366 -9.17 -12.46 -7.81
C VAL A 366 -9.84 -13.63 -8.52
N PRO A 367 -11.15 -13.83 -8.38
CA PRO A 367 -11.82 -14.95 -9.07
C PRO A 367 -11.65 -14.83 -10.57
N PRO A 368 -11.15 -15.87 -11.23
CA PRO A 368 -11.07 -15.83 -12.71
C PRO A 368 -12.47 -15.67 -13.29
N ILE A 369 -12.54 -14.97 -14.42
CA ILE A 369 -13.85 -14.56 -14.94
C ILE A 369 -14.69 -15.78 -15.29
N ASP A 370 -14.06 -16.84 -15.80
CA ASP A 370 -14.76 -18.07 -16.18
C ASP A 370 -15.41 -18.76 -14.97
N GLN A 371 -15.20 -18.23 -13.77
CA GLN A 371 -15.73 -18.83 -12.56
C GLN A 371 -16.66 -17.90 -11.80
N TRP A 372 -16.97 -16.72 -12.35
CA TRP A 372 -17.85 -15.80 -11.65
C TRP A 372 -19.24 -16.39 -11.46
N SER A 373 -19.83 -16.14 -10.29
CA SER A 373 -21.23 -16.47 -10.13
C SER A 373 -22.07 -15.36 -10.76
N GLY A 374 -23.39 -15.47 -10.65
CA GLY A 374 -24.22 -14.44 -11.22
C GLY A 374 -24.04 -13.08 -10.57
N SER A 375 -23.37 -13.03 -9.42
CA SER A 375 -23.26 -11.84 -8.59
C SER A 375 -21.86 -11.28 -8.46
N THR A 376 -20.84 -11.91 -9.04
CA THR A 376 -19.47 -11.42 -8.91
C THR A 376 -19.34 -9.98 -9.40
N PHE A 377 -19.84 -9.69 -10.60
CA PHE A 377 -19.73 -8.35 -11.16
C PHE A 377 -20.43 -7.31 -10.31
N ALA A 378 -21.40 -7.69 -9.47
CA ALA A 378 -21.99 -6.71 -8.57
C ALA A 378 -21.13 -6.43 -7.34
N ASN A 379 -20.10 -7.22 -7.09
CA ASN A 379 -19.28 -7.04 -5.89
C ASN A 379 -17.88 -6.55 -6.18
N LEU A 380 -17.23 -7.09 -7.21
CA LEU A 380 -15.84 -6.71 -7.48
C LEU A 380 -15.63 -5.22 -7.71
N PRO A 381 -16.44 -4.51 -8.51
CA PRO A 381 -16.11 -3.09 -8.78
C PRO A 381 -16.16 -2.21 -7.55
N ILE A 382 -16.86 -2.62 -6.49
CA ILE A 382 -16.91 -1.84 -5.26
C ILE A 382 -15.95 -2.39 -4.20
N GLY A 383 -15.19 -3.42 -4.54
CA GLY A 383 -14.13 -3.86 -3.67
C GLY A 383 -14.44 -5.00 -2.72
N GLN A 384 -15.52 -5.76 -2.94
CA GLN A 384 -15.78 -6.98 -2.18
C GLN A 384 -15.71 -8.17 -3.14
N GLY A 385 -15.39 -9.34 -2.60
CA GLY A 385 -15.25 -10.54 -3.42
C GLY A 385 -13.86 -10.78 -3.97
N LEU A 386 -12.87 -10.03 -3.51
CA LEU A 386 -11.49 -10.18 -3.95
C LEU A 386 -10.61 -9.67 -2.83
N SER A 387 -9.38 -10.12 -2.81
CA SER A 387 -8.49 -9.71 -1.73
C SER A 387 -7.15 -9.31 -2.32
N MET A 388 -6.48 -8.36 -1.65
CA MET A 388 -5.18 -7.90 -2.10
C MET A 388 -4.37 -7.49 -0.88
N THR A 389 -3.06 -7.49 -1.05
CA THR A 389 -2.19 -7.00 0.00
C THR A 389 -2.15 -5.49 -0.05
N LEU A 390 -1.63 -4.89 1.03
CA LEU A 390 -1.47 -3.44 1.03
C LEU A 390 -0.51 -2.99 -0.05
N LEU A 391 0.49 -3.82 -0.34
CA LEU A 391 1.46 -3.45 -1.38
C LEU A 391 0.82 -3.45 -2.77
N GLN A 392 0.05 -4.50 -3.08
CA GLN A 392 -0.70 -4.50 -4.34
C GLN A 392 -1.61 -3.28 -4.44
N MET A 393 -2.29 -2.95 -3.34
CA MET A 393 -3.23 -1.83 -3.36
C MET A 393 -2.50 -0.53 -3.65
N THR A 394 -1.41 -0.28 -2.93
CA THR A 394 -0.60 0.90 -3.19
C THR A 394 -0.02 0.84 -4.60
N GLY A 395 0.34 -0.36 -5.06
CA GLY A 395 0.87 -0.52 -6.42
C GLY A 395 -0.11 -0.13 -7.48
N MET A 396 -1.41 -0.34 -7.24
CA MET A 396 -2.42 0.12 -8.20
C MET A 396 -2.37 1.63 -8.37
N TYR A 397 -2.26 2.35 -7.25
CA TYR A 397 -2.26 3.81 -7.31
C TYR A 397 -0.95 4.34 -7.88
N GLN A 398 0.13 3.57 -7.80
CA GLN A 398 1.39 3.94 -8.43
C GLN A 398 1.26 3.92 -9.96
N ALA A 399 0.49 2.99 -10.53
CA ALA A 399 0.27 2.97 -11.98
C ALA A 399 -0.36 4.28 -12.43
N ILE A 400 -1.42 4.72 -11.74
CA ILE A 400 -2.10 5.96 -12.10
C ILE A 400 -1.22 7.17 -11.85
N ALA A 401 -0.42 7.12 -10.77
CA ALA A 401 0.50 8.20 -10.47
C ALA A 401 1.59 8.35 -11.54
N ASN A 402 2.07 7.23 -12.09
CA ASN A 402 3.12 7.20 -13.12
C ASN A 402 2.55 7.27 -14.53
N ASP A 403 1.56 8.14 -14.75
CA ASP A 403 0.99 8.38 -16.08
C ASP A 403 0.57 7.07 -16.74
N GLY A 404 0.02 6.16 -15.94
CA GLY A 404 -0.62 4.97 -16.45
C GLY A 404 0.29 3.77 -16.58
N VAL A 405 1.56 3.91 -16.21
CA VAL A 405 2.56 2.87 -16.39
C VAL A 405 2.87 2.29 -15.01
N ARG A 406 2.42 1.08 -14.77
CA ARG A 406 2.66 0.40 -13.51
C ARG A 406 4.08 -0.18 -13.51
N VAL A 407 4.85 0.16 -12.47
CA VAL A 407 6.17 -0.41 -12.25
C VAL A 407 6.09 -1.26 -10.98
N PRO A 408 6.15 -2.58 -11.08
CA PRO A 408 6.10 -3.44 -9.88
C PRO A 408 7.06 -2.96 -8.81
N PRO A 409 6.60 -2.86 -7.56
CA PRO A 409 7.46 -2.30 -6.50
C PRO A 409 8.64 -3.20 -6.16
N ARG A 410 9.71 -2.56 -5.68
CA ARG A 410 10.94 -3.24 -5.31
C ARG A 410 11.53 -2.59 -4.07
N ILE A 411 12.10 -3.42 -3.18
CA ILE A 411 12.71 -2.93 -1.94
C ILE A 411 14.24 -3.11 -1.95
N ILE A 412 14.78 -3.94 -2.82
CA ILE A 412 16.23 -4.09 -2.92
C ILE A 412 16.71 -3.14 -4.00
N LYS A 413 17.61 -2.22 -3.63
CA LYS A 413 18.07 -1.23 -4.60
C LYS A 413 19.34 -1.66 -5.32
N ALA A 414 20.29 -2.27 -4.60
CA ALA A 414 21.59 -2.64 -5.15
C ALA A 414 22.29 -3.56 -4.16
N THR A 415 23.38 -4.17 -4.62
CA THR A 415 24.24 -5.05 -3.84
C THR A 415 25.68 -4.57 -3.98
N VAL A 416 26.40 -4.50 -2.86
CA VAL A 416 27.77 -4.03 -2.84
C VAL A 416 28.68 -5.20 -2.44
N ALA A 417 29.58 -5.59 -3.35
CA ALA A 417 30.51 -6.69 -3.15
C ALA A 417 31.60 -6.30 -2.14
N PRO A 418 32.26 -7.28 -1.52
CA PRO A 418 33.26 -6.95 -0.48
C PRO A 418 34.37 -6.00 -0.92
N ASP A 419 34.69 -5.91 -2.22
CA ASP A 419 35.69 -4.92 -2.64
C ASP A 419 35.15 -3.50 -2.59
N GLY A 420 33.84 -3.33 -2.74
CA GLY A 420 33.22 -2.03 -2.80
C GLY A 420 32.53 -1.72 -4.12
N SER A 421 32.45 -2.66 -5.05
CA SER A 421 31.81 -2.39 -6.32
C SER A 421 30.32 -2.71 -6.24
N ARG A 422 29.53 -1.83 -6.84
CA ARG A 422 28.10 -1.82 -6.65
C ARG A 422 27.39 -2.29 -7.92
N THR A 423 26.45 -3.22 -7.76
CA THR A 423 25.57 -3.68 -8.83
C THR A 423 24.14 -3.23 -8.50
N GLU A 424 23.53 -2.44 -9.39
CA GLU A 424 22.14 -2.07 -9.16
C GLU A 424 21.21 -3.24 -9.42
N GLU A 425 20.15 -3.32 -8.64
CA GLU A 425 19.10 -4.28 -8.92
C GLU A 425 18.51 -4.04 -10.30
N PRO A 426 18.23 -5.10 -11.07
CA PRO A 426 17.57 -4.89 -12.37
C PRO A 426 16.18 -4.32 -12.19
N ARG A 427 15.88 -3.28 -12.97
CA ARG A 427 14.55 -2.66 -12.91
C ARG A 427 13.52 -3.56 -13.57
N PRO A 428 12.35 -3.75 -12.95
CA PRO A 428 11.30 -4.53 -13.59
C PRO A 428 10.72 -3.78 -14.77
N ASP A 429 10.13 -4.53 -15.69
CA ASP A 429 9.62 -3.93 -16.92
C ASP A 429 8.34 -3.15 -16.66
N ASP A 430 8.17 -2.07 -17.42
CA ASP A 430 6.94 -1.28 -17.41
C ASP A 430 5.74 -2.11 -17.82
N ILE A 431 4.60 -1.82 -17.23
CA ILE A 431 3.32 -2.38 -17.64
C ILE A 431 2.36 -1.23 -17.88
N ARG A 432 2.02 -0.99 -19.15
CA ARG A 432 1.05 0.04 -19.51
C ARG A 432 -0.34 -0.43 -19.10
N VAL A 433 -0.93 0.25 -18.11
CA VAL A 433 -2.29 -0.06 -17.66
C VAL A 433 -3.33 0.77 -18.40
N VAL A 434 -3.08 2.08 -18.50
CA VAL A 434 -3.94 3.04 -19.18
C VAL A 434 -3.02 4.11 -19.75
N SER A 435 -3.57 4.94 -20.65
CA SER A 435 -2.76 5.99 -21.27
C SER A 435 -2.40 7.07 -20.23
N ALA A 436 -1.43 7.90 -20.58
CA ALA A 436 -1.08 9.05 -19.76
C ALA A 436 -2.26 10.02 -19.63
N GLN A 437 -3.03 10.18 -20.71
CA GLN A 437 -4.22 11.02 -20.64
C GLN A 437 -5.25 10.46 -19.66
N THR A 438 -5.45 9.13 -19.66
CA THR A 438 -6.37 8.53 -18.71
C THR A 438 -5.88 8.73 -17.28
N ALA A 439 -4.59 8.45 -17.04
CA ALA A 439 -4.03 8.54 -15.70
C ALA A 439 -4.17 9.94 -15.12
N GLN A 440 -3.88 10.96 -15.93
CA GLN A 440 -3.99 12.35 -15.50
C GLN A 440 -5.43 12.73 -15.19
N THR A 441 -6.38 12.23 -15.98
CA THR A 441 -7.78 12.52 -15.71
C THR A 441 -8.25 11.85 -14.43
N VAL A 442 -7.82 10.61 -14.18
CA VAL A 442 -8.20 9.92 -12.95
C VAL A 442 -7.56 10.59 -11.72
N ARG A 443 -6.32 11.07 -11.84
CA ARG A 443 -5.70 11.81 -10.73
C ARG A 443 -6.54 13.02 -10.34
N GLN A 444 -7.03 13.76 -11.34
CA GLN A 444 -7.77 14.98 -11.07
C GLN A 444 -9.14 14.67 -10.46
N MET A 445 -9.84 13.66 -10.99
CA MET A 445 -11.12 13.23 -10.42
C MET A 445 -10.99 12.88 -8.95
N LEU A 446 -9.95 12.12 -8.59
CA LEU A 446 -9.75 11.72 -7.19
C LEU A 446 -9.41 12.90 -6.28
N ARG A 447 -9.08 14.08 -6.82
CA ARG A 447 -9.04 15.26 -5.95
C ARG A 447 -10.39 15.52 -5.30
N ALA A 448 -11.48 15.06 -5.93
CA ALA A 448 -12.82 15.31 -5.39
C ALA A 448 -13.02 14.63 -4.04
N VAL A 449 -12.36 13.49 -3.81
CA VAL A 449 -12.49 12.78 -2.53
C VAL A 449 -12.04 13.66 -1.36
N VAL A 450 -11.05 14.54 -1.58
CA VAL A 450 -10.54 15.37 -0.49
C VAL A 450 -11.10 16.77 -0.50
N GLN A 451 -11.97 17.12 -1.44
CA GLN A 451 -12.50 18.48 -1.52
C GLN A 451 -13.53 18.76 -0.42
N ARG A 452 -13.49 19.99 0.12
CA ARG A 452 -14.42 20.43 1.15
C ARG A 452 -15.52 21.30 0.56
N ASP A 453 -16.72 21.15 1.10
CA ASP A 453 -17.84 22.03 0.76
C ASP A 453 -18.69 22.20 2.01
N PRO A 454 -18.76 23.43 2.55
CA PRO A 454 -19.63 23.67 3.73
C PRO A 454 -21.10 23.43 3.44
N MET A 455 -21.54 23.68 2.22
CA MET A 455 -22.90 23.32 1.81
C MET A 455 -23.08 21.83 1.60
N GLY A 456 -22.01 21.05 1.73
CA GLY A 456 -22.11 19.61 1.67
C GLY A 456 -22.17 19.01 0.29
N TYR A 457 -22.83 19.71 -0.66
CA TYR A 457 -23.16 19.09 -1.94
C TYR A 457 -21.91 18.69 -2.71
N GLN A 458 -20.84 19.48 -2.60
CA GLN A 458 -19.63 19.24 -3.38
C GLN A 458 -18.48 18.78 -2.49
N GLN A 459 -18.77 18.06 -1.42
CA GLN A 459 -17.76 17.51 -0.54
C GLN A 459 -17.60 16.01 -0.81
N GLY A 460 -16.33 15.55 -0.85
CA GLY A 460 -16.03 14.15 -0.96
C GLY A 460 -16.08 13.43 0.39
N THR A 461 -15.70 12.17 0.37
CA THR A 461 -15.72 11.33 1.57
C THR A 461 -14.49 11.55 2.47
N GLY A 462 -13.43 12.19 1.97
CA GLY A 462 -12.20 12.25 2.73
C GLY A 462 -11.58 13.63 2.79
N PRO A 463 -12.37 14.64 3.18
CA PRO A 463 -11.82 16.01 3.17
C PRO A 463 -10.68 16.20 4.15
N THR A 464 -10.62 15.44 5.25
CA THR A 464 -9.46 15.60 6.12
C THR A 464 -8.18 15.05 5.50
N ALA A 465 -8.27 14.32 4.38
CA ALA A 465 -7.06 13.86 3.74
C ALA A 465 -6.41 14.96 2.91
N GLY A 466 -7.18 16.01 2.55
CA GLY A 466 -6.61 17.09 1.77
C GLY A 466 -5.58 17.87 2.57
N VAL A 467 -4.59 18.41 1.86
CA VAL A 467 -3.62 19.29 2.49
C VAL A 467 -3.64 20.60 1.71
N PRO A 468 -4.11 21.70 2.31
CA PRO A 468 -4.26 22.95 1.55
C PRO A 468 -2.94 23.43 0.97
N GLY A 469 -3.00 23.88 -0.28
CA GLY A 469 -1.82 24.23 -1.04
C GLY A 469 -1.34 23.14 -1.98
N TYR A 470 -1.88 21.93 -1.88
CA TYR A 470 -1.43 20.81 -2.69
C TYR A 470 -2.63 20.10 -3.34
N GLN A 471 -2.39 19.57 -4.54
CA GLN A 471 -3.38 18.77 -5.26
C GLN A 471 -3.34 17.31 -4.78
N MET A 472 -3.67 17.10 -3.51
CA MET A 472 -3.80 15.73 -3.00
C MET A 472 -4.97 15.01 -3.67
N ALA A 473 -4.79 13.73 -3.94
CA ALA A 473 -5.82 12.92 -4.58
C ALA A 473 -5.80 11.55 -3.95
N GLY A 474 -6.97 10.98 -3.67
CA GLY A 474 -6.98 9.66 -3.05
C GLY A 474 -8.36 9.04 -3.06
N LYS A 475 -8.49 7.93 -2.34
CA LYS A 475 -9.78 7.24 -2.24
C LYS A 475 -9.88 6.58 -0.87
N THR A 476 -11.05 6.74 -0.24
CA THR A 476 -11.39 6.16 1.05
C THR A 476 -12.00 4.78 0.87
N GLY A 477 -11.88 3.94 1.90
CA GLY A 477 -12.46 2.63 1.81
C GLY A 477 -12.96 2.07 3.12
N THR A 478 -14.04 1.31 3.00
CA THR A 478 -14.63 0.55 4.10
C THR A 478 -15.07 -0.78 3.51
N ALA A 479 -14.56 -1.88 4.05
CA ALA A 479 -14.91 -3.21 3.55
C ALA A 479 -15.26 -4.12 4.72
N GLN A 480 -16.40 -4.81 4.61
CA GLN A 480 -16.79 -5.79 5.62
C GLN A 480 -15.86 -7.00 5.61
N GLN A 481 -15.49 -7.45 6.80
CA GLN A 481 -14.73 -8.69 6.94
C GLN A 481 -15.68 -9.89 7.04
N ILE A 482 -15.16 -11.08 6.78
CA ILE A 482 -15.98 -12.29 6.80
C ILE A 482 -15.95 -12.88 8.21
N ASN A 483 -17.14 -13.13 8.75
CA ASN A 483 -17.31 -13.72 10.08
C ASN A 483 -16.76 -15.14 10.08
N PRO A 484 -15.75 -15.44 10.91
CA PRO A 484 -15.15 -16.78 10.92
C PRO A 484 -16.15 -17.91 11.17
N GLY A 485 -17.15 -17.69 12.04
CA GLY A 485 -18.09 -18.70 12.48
C GLY A 485 -19.31 -18.99 11.61
N CYS A 486 -19.68 -18.11 10.67
CA CYS A 486 -20.84 -18.31 9.80
C CYS A 486 -20.51 -18.45 8.32
N GLY A 487 -19.29 -18.10 7.90
CA GLY A 487 -19.03 -17.97 6.48
C GLY A 487 -19.80 -16.85 5.82
N CYS A 488 -20.03 -15.75 6.53
CA CYS A 488 -20.80 -14.63 6.00
C CYS A 488 -20.18 -13.35 6.52
N TYR A 489 -20.55 -12.21 5.92
CA TYR A 489 -19.96 -10.94 6.32
C TYR A 489 -20.43 -10.53 7.70
N PHE A 490 -19.48 -10.15 8.56
CA PHE A 490 -19.81 -9.31 9.70
C PHE A 490 -20.58 -8.09 9.23
N ASP A 491 -21.42 -7.57 10.10
CA ASP A 491 -22.12 -6.33 9.77
C ASP A 491 -21.45 -5.10 10.36
N ASP A 492 -20.61 -5.24 11.38
CA ASP A 492 -19.92 -4.07 11.95
C ASP A 492 -18.45 -4.38 12.23
N VAL A 493 -17.79 -5.09 11.31
CA VAL A 493 -16.35 -5.34 11.38
C VAL A 493 -15.77 -5.03 10.00
N TYR A 494 -14.83 -4.08 9.95
CA TYR A 494 -14.40 -3.52 8.68
C TYR A 494 -12.89 -3.40 8.60
N TRP A 495 -12.38 -3.56 7.38
CA TRP A 495 -11.10 -3.00 7.00
C TRP A 495 -11.34 -1.58 6.51
N ILE A 496 -10.59 -0.63 7.08
CA ILE A 496 -10.59 0.75 6.63
C ILE A 496 -9.32 0.96 5.81
N THR A 497 -9.47 1.53 4.62
CA THR A 497 -8.38 1.67 3.66
C THR A 497 -8.33 3.10 3.16
N PHE A 498 -7.12 3.56 2.79
CA PHE A 498 -6.96 4.81 2.07
C PHE A 498 -5.75 4.66 1.17
N ALA A 499 -5.83 5.20 -0.03
CA ALA A 499 -4.65 5.21 -0.89
C ALA A 499 -4.61 6.56 -1.57
N GLY A 500 -3.43 7.14 -1.67
CA GLY A 500 -3.41 8.45 -2.32
C GLY A 500 -2.08 8.78 -2.92
N ILE A 501 -2.06 9.92 -3.63
CA ILE A 501 -0.94 10.38 -4.43
C ILE A 501 -0.65 11.83 -4.06
N ALA A 502 0.60 12.11 -3.70
CA ALA A 502 1.12 13.47 -3.56
C ALA A 502 2.10 13.82 -4.70
N THR A 503 1.73 14.68 -5.65
CA THR A 503 0.40 15.28 -5.80
C THR A 503 -0.19 14.89 -7.15
N ALA A 504 -1.40 15.37 -7.46
CA ALA A 504 -2.02 15.01 -8.73
C ALA A 504 -1.29 15.65 -9.92
N ASP A 505 -0.86 16.90 -9.76
CA ASP A 505 -0.17 17.58 -10.85
C ASP A 505 1.32 17.27 -10.89
N ASN A 506 1.87 16.76 -9.79
CA ASN A 506 3.30 16.45 -9.69
C ASN A 506 3.45 15.21 -8.80
N PRO A 507 3.22 14.01 -9.36
CA PRO A 507 3.24 12.79 -8.53
C PRO A 507 4.64 12.45 -8.04
N ARG A 508 4.84 12.45 -6.73
CA ARG A 508 6.11 12.05 -6.15
C ARG A 508 6.00 10.86 -5.21
N TYR A 509 4.91 10.77 -4.45
CA TYR A 509 4.75 9.75 -3.44
C TYR A 509 3.37 9.11 -3.56
N VAL A 510 3.33 7.81 -3.35
CA VAL A 510 2.09 7.05 -3.32
C VAL A 510 1.99 6.43 -1.94
N ILE A 511 0.85 6.62 -1.28
CA ILE A 511 0.68 6.22 0.10
C ILE A 511 -0.52 5.29 0.21
N GLY A 512 -0.31 4.10 0.76
CA GLY A 512 -1.42 3.20 1.04
C GLY A 512 -1.54 2.85 2.51
N ILE A 513 -2.76 2.85 3.03
CA ILE A 513 -3.04 2.66 4.45
C ILE A 513 -4.17 1.66 4.62
N MET A 514 -4.03 0.75 5.59
CA MET A 514 -5.15 -0.07 6.04
C MET A 514 -5.20 -0.10 7.57
N LEU A 515 -6.42 0.02 8.12
CA LEU A 515 -6.70 -0.14 9.54
C LEU A 515 -7.63 -1.33 9.74
N ASP A 516 -7.26 -2.26 10.61
CA ASP A 516 -8.11 -3.43 10.84
C ASP A 516 -9.12 -3.09 11.94
N ASN A 517 -10.36 -2.82 11.53
CA ASN A 517 -11.50 -2.60 12.42
C ASN A 517 -11.23 -1.59 13.54
N PRO A 518 -10.97 -0.33 13.20
CA PRO A 518 -10.85 0.70 14.23
C PRO A 518 -12.20 1.08 14.83
N ALA A 519 -12.14 1.53 16.09
CA ALA A 519 -13.31 2.13 16.72
C ALA A 519 -13.44 3.62 16.41
N ARG A 520 -12.33 4.29 16.07
CA ARG A 520 -12.29 5.74 15.83
C ARG A 520 -11.46 6.01 14.58
N ASN A 521 -11.42 7.28 14.16
CA ASN A 521 -10.44 7.72 13.15
C ASN A 521 -9.02 7.42 13.57
N SER A 522 -8.07 7.53 12.62
CA SER A 522 -6.67 7.32 12.94
C SER A 522 -6.12 8.41 13.88
N ASP A 523 -6.75 9.59 13.92
CA ASP A 523 -6.37 10.63 14.85
CA ASP A 523 -6.44 10.69 14.83
C ASP A 523 -7.15 10.58 16.17
N GLY A 524 -8.08 9.63 16.31
CA GLY A 524 -8.80 9.46 17.55
C GLY A 524 -10.16 10.14 17.64
N ALA A 525 -10.57 10.87 16.59
CA ALA A 525 -11.91 11.47 16.51
C ALA A 525 -12.95 10.42 16.14
N PRO A 526 -14.24 10.71 16.37
CA PRO A 526 -15.28 9.72 16.07
C PRO A 526 -15.36 9.46 14.57
N GLY A 527 -15.62 8.21 14.22
CA GLY A 527 -15.65 7.75 12.85
C GLY A 527 -14.74 6.57 12.67
N HIS A 528 -14.37 6.29 11.42
CA HIS A 528 -13.63 5.06 11.13
C HIS A 528 -12.73 5.28 9.92
N SER A 529 -12.06 6.42 9.87
CA SER A 529 -11.39 6.86 8.65
C SER A 529 -9.88 6.87 8.82
N ALA A 530 -9.19 6.40 7.79
CA ALA A 530 -7.75 6.47 7.61
C ALA A 530 -7.31 7.78 7.00
N ALA A 531 -8.24 8.61 6.53
CA ALA A 531 -7.88 9.88 5.92
C ALA A 531 -6.94 10.76 6.76
N PRO A 532 -7.11 10.93 8.08
CA PRO A 532 -6.16 11.79 8.82
C PRO A 532 -4.76 11.25 8.82
N LEU A 533 -4.58 9.92 8.75
CA LEU A 533 -3.23 9.38 8.68
C LEU A 533 -2.56 9.76 7.37
N PHE A 534 -3.31 9.74 6.27
CA PHE A 534 -2.77 10.14 4.97
C PHE A 534 -2.40 11.62 4.99
N HIS A 535 -3.27 12.44 5.55
CA HIS A 535 -3.02 13.87 5.75
C HIS A 535 -1.65 14.11 6.40
N ASN A 536 -1.43 13.50 7.57
CA ASN A 536 -0.19 13.68 8.30
CA ASN A 536 -0.20 13.70 8.29
C ASN A 536 1.01 13.28 7.46
N ILE A 537 0.97 12.08 6.86
CA ILE A 537 2.18 11.59 6.16
C ILE A 537 2.45 12.40 4.89
N ALA A 538 1.42 12.60 4.07
CA ALA A 538 1.60 13.31 2.79
C ALA A 538 2.00 14.77 3.04
N GLY A 539 1.43 15.40 4.07
CA GLY A 539 1.82 16.75 4.37
C GLY A 539 3.26 16.84 4.82
N TRP A 540 3.67 15.93 5.69
CA TRP A 540 5.03 15.94 6.18
C TRP A 540 6.01 15.68 5.04
N LEU A 541 5.64 14.84 4.08
CA LEU A 541 6.51 14.58 2.94
C LEU A 541 6.68 15.81 2.07
N MET A 542 5.61 16.60 1.90
CA MET A 542 5.73 17.82 1.12
C MET A 542 6.61 18.84 1.83
N GLN A 543 6.39 19.04 3.13
CA GLN A 543 7.14 20.04 3.92
C GLN A 543 8.64 19.75 3.88
N ARG A 544 9.03 18.49 4.10
CA ARG A 544 10.43 18.19 4.31
C ARG A 544 11.23 18.32 3.03
N GLU A 545 10.57 18.29 1.88
CA GLU A 545 11.19 18.58 0.59
C GLU A 545 10.86 19.98 0.09
N ASN A 546 10.28 20.83 0.95
CA ASN A 546 10.01 22.24 0.63
C ASN A 546 9.35 22.41 -0.73
N VAL A 547 8.48 21.45 -1.09
CA VAL A 547 7.63 21.63 -2.26
C VAL A 547 6.72 22.82 -2.03
N PRO A 548 6.62 23.77 -2.97
CA PRO A 548 5.80 24.96 -2.74
C PRO A 548 4.33 24.75 -3.07
N LEU A 549 3.52 25.65 -2.51
CA LEU A 549 2.06 25.64 -2.73
C LEU A 549 1.67 26.20 -4.10
N GLY A 554 -7.36 24.28 -8.72
CA GLY A 554 -7.92 25.47 -9.36
C GLY A 554 -9.35 25.79 -8.93
N PRO A 555 -10.28 25.78 -9.90
CA PRO A 555 -11.69 25.94 -9.56
C PRO A 555 -12.25 24.67 -8.93
N PRO A 556 -13.26 24.77 -8.07
CA PRO A 556 -13.77 23.57 -7.40
C PRO A 556 -14.36 22.58 -8.39
N LEU A 557 -14.20 21.29 -8.09
CA LEU A 557 -14.77 20.25 -8.93
C LEU A 557 -16.24 20.06 -8.62
N VAL A 558 -17.01 19.73 -9.66
CA VAL A 558 -18.44 19.50 -9.53
C VAL A 558 -18.68 18.00 -9.38
N LEU A 559 -19.21 17.62 -8.22
CA LEU A 559 -19.58 16.24 -7.92
C LEU A 559 -21.06 15.99 -8.06
N GLN A 560 -21.87 17.04 -7.98
CA GLN A 560 -23.31 16.90 -7.99
C GLN A 560 -23.87 18.08 -8.77
N ALA A 561 -24.59 17.80 -9.86
CA ALA A 561 -25.26 18.84 -10.62
C ALA A 561 -26.50 19.33 -9.87
N THR A 562 -27.51 19.77 -10.58
CA THR A 562 -28.78 20.10 -9.93
C THR A 562 -29.90 19.16 -10.42
#